data_2MH5
#
_entry.id   2MH5
#
loop_
_entity.id
_entity.type
_entity.pdbx_description
1 polymer 'Lantibiotic 107891'
2 non-polymer 'dodecyl 2-(trimethylammonio)ethyl phosphate'
#
_entity_poly.entity_id   1
_entity_poly.type   'polypeptide(L)'
_entity_poly.pdbx_seq_one_letter_code
;V(DBU)(DAL)(5CW)(DHA)LC(DBB)PGCT(DAL)(HYP)GGG(DAL)NC(DAL)FC(TEE)
;
_entity_poly.pdbx_strand_id   A
#
# COMPACT_ATOMS: atom_id res chain seq x y z
N VAL A 1 2.42 -6.61 -15.52
CA VAL A 1 2.46 -6.16 -14.11
C VAL A 1 1.42 -6.86 -13.26
N LEU A 6 0.28 -6.91 -6.27
CA LEU A 6 1.65 -6.47 -6.55
C LEU A 6 1.69 -4.96 -6.72
N CYS A 7 0.52 -4.35 -6.70
CA CYS A 7 0.39 -2.92 -6.90
C CYS A 7 0.44 -2.20 -5.54
N PRO A 9 1.20 -3.67 -1.65
CA PRO A 9 1.42 -4.48 -0.44
C PRO A 9 2.83 -5.05 -0.20
N GLY A 10 3.55 -4.39 0.69
CA GLY A 10 4.96 -4.69 0.95
C GLY A 10 5.83 -3.50 0.61
N CYS A 11 5.32 -2.59 -0.20
CA CYS A 11 6.05 -1.42 -0.67
C CYS A 11 6.06 -0.23 0.30
N THR A 12 5.54 -0.43 1.50
CA THR A 12 5.46 0.58 2.59
C THR A 12 4.38 1.65 2.32
N GLY A 15 0.51 4.82 7.25
CA GLY A 15 -0.79 5.40 7.54
C GLY A 15 -0.72 6.71 8.30
N GLY A 16 0.41 6.99 8.93
CA GLY A 16 0.59 8.27 9.60
C GLY A 16 0.62 9.36 8.54
N GLY A 17 -0.20 10.39 8.71
CA GLY A 17 -0.31 11.44 7.71
C GLY A 17 -1.26 11.04 6.60
N ASN A 19 -1.22 10.03 2.20
CA ASN A 19 -0.63 10.26 0.87
C ASN A 19 0.27 9.14 0.31
N CYS A 20 -0.06 7.88 0.55
CA CYS A 20 0.74 6.78 0.01
C CYS A 20 -0.08 5.61 -0.57
N PHE A 22 -2.27 3.37 -0.01
CA PHE A 22 -2.92 2.55 1.03
C PHE A 22 -3.85 3.49 1.78
N CYS A 23 -3.34 4.70 1.95
CA CYS A 23 -4.09 5.84 2.46
C CYS A 23 -3.60 6.97 1.55
N VAL A 1 -3.28 -7.30 -14.64
CA VAL A 1 -2.15 -6.80 -13.79
C VAL A 1 -2.05 -7.57 -12.47
N LEU A 6 0.98 -7.73 -3.66
CA LEU A 6 2.43 -7.54 -3.87
C LEU A 6 2.79 -6.15 -4.35
N CYS A 7 2.03 -5.63 -5.31
CA CYS A 7 2.33 -4.35 -5.94
C CYS A 7 1.77 -3.16 -5.13
N PRO A 9 1.24 -3.26 -1.16
CA PRO A 9 1.25 -3.75 0.23
C PRO A 9 2.64 -4.22 0.67
N GLY A 10 3.47 -4.61 -0.30
CA GLY A 10 4.86 -4.98 -0.01
C GLY A 10 5.75 -3.76 0.11
N CYS A 11 5.25 -2.63 -0.37
CA CYS A 11 5.94 -1.34 -0.28
C CYS A 11 5.57 -0.74 1.08
N THR A 12 6.02 0.47 1.36
CA THR A 12 5.61 1.13 2.60
C THR A 12 4.19 1.69 2.46
N GLY A 15 -2.83 0.03 1.88
CA GLY A 15 -4.18 0.60 1.94
C GLY A 15 -5.12 -0.19 2.83
N GLY A 16 -6.40 0.17 2.77
CA GLY A 16 -7.41 -0.46 3.61
C GLY A 16 -8.25 0.56 4.35
N GLY A 17 -8.72 1.57 3.63
CA GLY A 17 -9.50 2.65 4.23
C GLY A 17 -9.06 4.02 3.72
N ASN A 19 -5.42 5.11 4.84
CA ASN A 19 -4.21 4.78 5.60
C ASN A 19 -3.07 5.78 5.34
N CYS A 20 -1.86 5.24 5.24
CA CYS A 20 -0.63 6.01 5.10
C CYS A 20 -0.35 6.38 3.64
N PHE A 22 -1.89 5.95 0.79
CA PHE A 22 -2.20 4.96 -0.27
C PHE A 22 -3.22 5.52 -1.25
N CYS A 23 -4.29 6.12 -0.74
CA CYS A 23 -5.29 6.77 -1.59
C CYS A 23 -4.89 8.22 -1.84
N VAL A 1 -5.54 0.63 -14.36
CA VAL A 1 -5.17 0.60 -12.93
C VAL A 1 -5.17 -0.84 -12.39
N LEU A 6 -1.24 -5.71 -7.23
CA LEU A 6 -0.01 -5.07 -7.72
C LEU A 6 -0.18 -3.56 -7.55
N CYS A 7 -0.50 -3.17 -6.33
CA CYS A 7 -0.82 -1.78 -6.00
C CYS A 7 -0.11 -1.32 -4.73
N PRO A 9 1.33 -3.98 -1.90
CA PRO A 9 1.64 -5.08 -0.96
C PRO A 9 3.11 -5.40 -0.66
N GLY A 10 3.57 -4.82 0.45
CA GLY A 10 4.94 -4.98 0.91
C GLY A 10 5.81 -3.74 0.68
N CYS A 11 5.34 -2.81 -0.14
CA CYS A 11 6.12 -1.62 -0.48
C CYS A 11 6.29 -0.61 0.68
N THR A 12 5.20 0.04 1.09
CA THR A 12 5.27 1.11 2.08
C THR A 12 3.83 1.45 2.50
N GLY A 15 1.13 7.01 5.02
CA GLY A 15 -0.15 7.72 5.07
C GLY A 15 -1.22 7.12 5.98
N GLY A 16 -0.82 6.64 7.13
CA GLY A 16 -1.78 6.10 8.08
C GLY A 16 -2.07 4.62 7.90
N GLY A 17 -3.03 4.13 8.66
CA GLY A 17 -3.38 2.72 8.63
C GLY A 17 -4.11 2.28 7.37
N ASN A 19 -3.22 0.05 5.24
CA ASN A 19 -2.19 -0.12 4.22
C ASN A 19 -2.28 1.00 3.18
N CYS A 20 -2.57 2.20 3.67
CA CYS A 20 -2.73 3.40 2.85
C CYS A 20 -3.74 3.19 1.73
N PHE A 22 -5.54 0.13 0.93
CA PHE A 22 -5.57 -1.21 0.30
C PHE A 22 -6.53 -2.11 1.09
N CYS A 23 -6.66 -1.84 2.38
CA CYS A 23 -7.62 -2.57 3.22
C CYS A 23 -8.98 -1.85 3.23
N VAL A 1 -5.08 -8.27 -11.95
CA VAL A 1 -4.30 -7.25 -11.18
C VAL A 1 -4.40 -7.50 -9.68
N LEU A 6 -0.53 -7.35 -2.42
CA LEU A 6 0.63 -7.92 -3.11
C LEU A 6 1.21 -6.99 -4.16
N CYS A 7 0.79 -5.72 -4.15
CA CYS A 7 1.30 -4.74 -5.10
C CYS A 7 2.24 -3.76 -4.39
N PRO A 9 1.28 -2.38 -0.93
CA PRO A 9 1.48 -2.86 0.44
C PRO A 9 2.68 -3.79 0.42
N GLY A 10 3.62 -3.57 1.33
CA GLY A 10 4.87 -4.31 1.32
C GLY A 10 5.99 -3.50 0.68
N CYS A 11 5.65 -2.60 -0.23
CA CYS A 11 6.62 -1.60 -0.72
C CYS A 11 6.58 -0.48 0.31
N THR A 12 5.36 -0.08 0.61
CA THR A 12 5.03 0.99 1.54
C THR A 12 3.71 0.53 2.19
N GLY A 15 -0.09 0.21 8.23
CA GLY A 15 -1.48 0.17 8.69
C GLY A 15 -2.44 -0.43 7.69
N GLY A 16 -2.11 -0.43 6.41
CA GLY A 16 -2.96 -1.02 5.39
C GLY A 16 -4.33 -0.36 5.25
N GLY A 17 -4.42 0.90 5.60
CA GLY A 17 -5.70 1.61 5.54
C GLY A 17 -6.15 1.75 4.11
N ASN A 19 -6.29 -0.72 1.88
CA ASN A 19 -5.32 -1.51 1.10
C ASN A 19 -4.15 -0.61 0.67
N CYS A 20 -3.82 0.33 1.54
CA CYS A 20 -2.84 1.41 1.27
C CYS A 20 -3.34 2.32 0.14
N PHE A 22 -6.57 2.69 -1.66
CA PHE A 22 -7.52 2.34 -2.74
C PHE A 22 -8.94 2.70 -2.31
N CYS A 23 -9.22 2.55 -1.01
CA CYS A 23 -10.54 2.88 -0.46
C CYS A 23 -10.52 4.18 0.33
N VAL A 1 -8.02 0.49 -11.09
CA VAL A 1 -7.77 1.03 -9.72
C VAL A 1 -7.54 -0.10 -8.69
N LEU A 6 -1.55 -4.99 -5.20
CA LEU A 6 -0.65 -4.31 -6.16
C LEU A 6 -0.36 -2.86 -5.77
N CYS A 7 -1.19 -2.31 -4.90
CA CYS A 7 -1.13 -0.87 -4.57
C CYS A 7 -0.26 -0.51 -3.37
N PRO A 9 1.11 -3.33 -0.86
CA PRO A 9 1.55 -4.51 -0.09
C PRO A 9 2.94 -4.95 -0.56
N GLY A 10 3.90 -4.94 0.34
CA GLY A 10 5.28 -5.23 0.00
C GLY A 10 6.19 -4.01 -0.08
N CYS A 11 5.63 -2.81 -0.24
CA CYS A 11 6.44 -1.60 -0.27
C CYS A 11 6.44 -0.96 1.14
N THR A 12 5.55 -0.01 1.38
CA THR A 12 5.40 0.64 2.69
C THR A 12 3.91 0.86 2.97
N GLY A 15 -0.34 5.38 0.38
CA GLY A 15 -1.71 5.68 -0.03
C GLY A 15 -2.67 5.89 1.12
N GLY A 16 -3.95 6.06 0.79
CA GLY A 16 -4.97 6.25 1.80
C GLY A 16 -5.19 4.99 2.64
N GLY A 17 -5.92 5.12 3.74
CA GLY A 17 -6.13 4.00 4.63
C GLY A 17 -6.95 2.90 4.01
N ASN A 19 -5.97 0.51 1.97
CA ASN A 19 -5.60 0.32 0.56
C ASN A 19 -4.33 -0.50 0.33
N CYS A 20 -3.38 -0.40 1.26
CA CYS A 20 -2.12 -1.13 1.15
C CYS A 20 -2.22 -2.49 1.85
N PHE A 22 -3.66 -4.88 4.92
CA PHE A 22 -3.82 -4.85 6.40
C PHE A 22 -5.28 -4.95 6.86
N CYS A 23 -6.17 -4.16 6.28
CA CYS A 23 -7.60 -4.23 6.56
C CYS A 23 -8.30 -5.02 5.43
N VAL A 1 0.10 4.39 -13.37
CA VAL A 1 0.61 2.99 -13.31
C VAL A 1 -0.44 2.06 -12.73
N LEU A 6 3.24 -3.81 -6.60
CA LEU A 6 4.16 -2.83 -6.00
C LEU A 6 3.44 -1.67 -5.32
N CYS A 7 2.24 -1.35 -5.80
CA CYS A 7 1.46 -0.25 -5.20
C CYS A 7 0.65 -0.79 -4.03
N PRO A 9 1.58 -4.22 -2.08
CA PRO A 9 2.27 -5.47 -1.68
C PRO A 9 3.75 -5.21 -1.34
N GLY A 10 4.06 -5.20 -0.05
CA GLY A 10 5.41 -4.91 0.41
C GLY A 10 5.83 -3.47 0.20
N CYS A 11 4.87 -2.58 0.06
CA CYS A 11 5.15 -1.18 -0.31
C CYS A 11 5.56 -0.27 0.86
N THR A 12 5.08 -0.58 2.06
CA THR A 12 5.26 0.28 3.27
C THR A 12 4.94 1.76 2.91
N GLY A 15 2.25 6.07 5.78
CA GLY A 15 2.78 6.66 7.00
C GLY A 15 1.89 7.85 7.36
N GLY A 16 0.61 7.71 7.04
CA GLY A 16 -0.34 8.81 7.16
C GLY A 16 -0.47 9.53 5.83
N GLY A 17 -1.42 9.10 5.00
CA GLY A 17 -1.59 9.68 3.67
C GLY A 17 -2.63 8.99 2.81
N ASN A 19 -1.30 8.29 -1.08
CA ASN A 19 -0.63 8.29 -2.39
C ASN A 19 0.39 7.17 -2.69
N CYS A 20 0.17 5.97 -2.16
CA CYS A 20 0.97 4.80 -2.56
C CYS A 20 0.11 3.89 -3.47
N PHE A 22 -3.03 1.94 -2.74
CA PHE A 22 -3.91 0.89 -2.17
C PHE A 22 -5.17 1.54 -1.60
N CYS A 23 -5.03 2.64 -0.87
CA CYS A 23 -6.20 3.36 -0.35
C CYS A 23 -6.93 3.96 -1.56
N VAL A 1 4.60 -3.53 -8.54
CA VAL A 1 4.33 -4.09 -9.89
C VAL A 1 3.78 -5.50 -9.78
N LEU A 6 1.50 -8.24 -2.36
CA LEU A 6 2.73 -7.88 -1.62
C LEU A 6 3.64 -6.92 -2.37
N CYS A 7 3.75 -7.08 -3.68
CA CYS A 7 4.53 -6.17 -4.52
C CYS A 7 3.70 -4.92 -4.86
N PRO A 9 1.26 -3.55 -1.77
CA PRO A 9 0.83 -3.50 -0.36
C PRO A 9 2.01 -3.45 0.63
N GLY A 10 3.15 -4.02 0.23
CA GLY A 10 4.35 -3.97 1.05
C GLY A 10 5.36 -2.90 0.63
N CYS A 11 5.05 -2.14 -0.42
CA CYS A 11 5.99 -1.12 -0.92
C CYS A 11 6.13 0.04 0.06
N THR A 12 5.05 0.30 0.78
CA THR A 12 5.01 1.32 1.83
C THR A 12 3.77 0.96 2.62
N GLY A 15 2.38 1.78 10.62
CA GLY A 15 2.93 1.09 11.78
C GLY A 15 1.81 0.32 12.45
N GLY A 16 0.59 0.85 12.33
CA GLY A 16 -0.61 0.20 12.82
C GLY A 16 -1.37 -0.39 11.66
N GLY A 17 -2.57 0.12 11.40
CA GLY A 17 -3.37 -0.34 10.28
C GLY A 17 -4.29 0.79 9.80
N ASN A 19 -3.51 3.62 8.18
CA ASN A 19 -2.90 4.93 8.55
C ASN A 19 -2.01 5.55 7.47
N CYS A 20 -1.79 4.81 6.39
CA CYS A 20 -0.94 5.26 5.28
C CYS A 20 -1.66 4.79 4.03
N PHE A 22 -3.36 3.29 1.68
CA PHE A 22 -3.72 1.99 1.14
C PHE A 22 -4.64 1.55 2.26
N CYS A 23 -5.78 0.91 1.96
CA CYS A 23 -6.87 0.67 2.92
C CYS A 23 -7.65 1.97 3.23
N VAL A 1 -2.44 -3.34 -14.61
CA VAL A 1 -3.87 -3.11 -14.31
C VAL A 1 -4.45 -4.25 -13.44
N LEU A 6 0.83 -6.62 -7.08
CA LEU A 6 1.86 -5.69 -7.56
C LEU A 6 1.50 -4.26 -7.15
N CYS A 7 0.22 -4.04 -6.92
CA CYS A 7 -0.28 -2.71 -6.58
C CYS A 7 -0.12 -2.37 -5.10
N PRO A 9 1.38 -4.15 -1.89
CA PRO A 9 1.85 -5.20 -0.96
C PRO A 9 3.34 -5.53 -0.95
N GLY A 10 4.00 -4.94 0.03
CA GLY A 10 5.45 -4.94 0.13
C GLY A 10 5.84 -3.52 0.46
N CYS A 11 5.23 -2.58 -0.26
CA CYS A 11 5.37 -1.16 0.03
C CYS A 11 4.69 -0.91 1.38
N THR A 12 5.23 0.01 2.16
CA THR A 12 4.75 0.21 3.54
C THR A 12 4.42 1.69 3.83
N GLY A 15 4.50 7.19 1.05
CA GLY A 15 3.84 8.41 0.63
C GLY A 15 2.42 8.46 1.13
N GLY A 16 1.74 9.57 0.90
CA GLY A 16 0.35 9.72 1.28
C GLY A 16 -0.37 10.58 0.26
N GLY A 17 -1.70 10.53 0.26
CA GLY A 17 -2.48 11.30 -0.69
C GLY A 17 -2.42 10.68 -2.08
N ASN A 19 -0.31 8.48 -3.22
CA ASN A 19 1.10 8.26 -3.64
C ASN A 19 1.65 6.96 -3.05
N CYS A 20 0.76 6.18 -2.46
CA CYS A 20 1.09 4.89 -1.89
C CYS A 20 -0.18 4.09 -2.13
N PHE A 22 -3.55 1.10 -1.74
CA PHE A 22 -4.93 1.13 -1.17
C PHE A 22 -5.83 2.23 -1.74
N CYS A 23 -5.48 3.51 -1.57
CA CYS A 23 -6.19 4.61 -2.26
C CYS A 23 -5.80 4.45 -3.73
N VAL A 1 1.01 -1.24 -15.46
CA VAL A 1 0.97 -2.73 -15.32
C VAL A 1 -0.02 -3.11 -14.23
N LEU A 6 3.14 -6.26 -5.43
CA LEU A 6 4.32 -5.44 -5.11
C LEU A 6 3.98 -3.95 -5.14
N CYS A 7 2.99 -3.56 -5.93
CA CYS A 7 2.63 -2.14 -6.08
C CYS A 7 1.74 -1.65 -4.92
N PRO A 9 1.18 -3.79 -1.71
CA PRO A 9 1.42 -4.93 -0.81
C PRO A 9 2.93 -5.13 -0.70
N GLY A 10 3.45 -5.04 0.52
CA GLY A 10 4.89 -5.12 0.73
C GLY A 10 5.66 -3.82 0.48
N CYS A 11 4.98 -2.82 -0.07
CA CYS A 11 5.60 -1.52 -0.34
C CYS A 11 5.63 -0.73 0.98
N THR A 12 6.30 0.41 0.99
CA THR A 12 6.21 1.31 2.13
C THR A 12 4.92 2.13 1.94
N GLY A 15 0.19 1.99 6.75
CA GLY A 15 -0.37 2.67 7.91
C GLY A 15 -1.58 3.54 7.68
N GLY A 16 -1.88 3.87 6.43
CA GLY A 16 -3.03 4.71 6.13
C GLY A 16 -2.74 6.18 6.38
N GLY A 17 -3.75 7.03 6.23
CA GLY A 17 -3.58 8.46 6.41
C GLY A 17 -3.18 9.15 5.11
N ASN A 19 -0.43 9.06 3.14
CA ASN A 19 0.88 9.73 3.16
C ASN A 19 1.84 9.10 2.17
N CYS A 20 1.37 8.11 1.43
CA CYS A 20 2.21 7.35 0.52
C CYS A 20 1.40 6.85 -0.69
N PHE A 22 0.31 4.37 -2.24
CA PHE A 22 -0.80 3.42 -2.08
C PHE A 22 -2.15 4.09 -2.34
N CYS A 23 -2.35 5.28 -1.77
CA CYS A 23 -3.61 6.01 -1.97
C CYS A 23 -3.49 7.04 -3.10
N VAL A 1 1.49 -4.27 -13.98
CA VAL A 1 0.08 -4.60 -14.38
C VAL A 1 -0.77 -4.88 -13.14
N LEU A 6 -0.31 -6.33 -4.54
CA LEU A 6 1.17 -6.24 -4.59
C LEU A 6 1.63 -4.82 -4.90
N CYS A 7 0.69 -3.92 -5.19
CA CYS A 7 1.03 -2.56 -5.58
C CYS A 7 0.92 -1.63 -4.37
N PRO A 9 1.13 -2.71 -0.75
CA PRO A 9 1.31 -3.71 0.31
C PRO A 9 2.59 -4.48 -0.03
N GLY A 10 3.56 -4.46 0.87
CA GLY A 10 4.87 -5.04 0.60
C GLY A 10 5.94 -3.98 0.31
N CYS A 11 5.49 -2.75 0.13
CA CYS A 11 6.36 -1.59 -0.04
C CYS A 11 5.85 -0.61 1.03
N THR A 12 6.12 0.68 0.90
CA THR A 12 5.54 1.65 1.84
C THR A 12 4.03 1.74 1.53
N GLY A 15 -1.52 -1.06 4.25
CA GLY A 15 -2.97 -1.11 4.18
C GLY A 15 -3.69 0.18 4.50
N GLY A 16 -5.00 0.16 4.29
CA GLY A 16 -5.84 1.32 4.52
C GLY A 16 -7.07 1.18 3.65
N GLY A 17 -7.94 2.17 3.63
CA GLY A 17 -9.11 2.12 2.75
C GLY A 17 -8.67 2.34 1.32
N ASN A 19 -5.94 0.44 0.27
CA ASN A 19 -4.51 0.33 0.63
C ASN A 19 -4.05 1.77 0.89
N CYS A 20 -2.77 2.05 0.71
CA CYS A 20 -2.26 3.41 0.89
C CYS A 20 -2.31 4.19 -0.43
N PHE A 22 -4.05 3.19 -3.41
CA PHE A 22 -4.01 2.33 -4.59
C PHE A 22 -5.38 2.27 -5.26
N CYS A 23 -6.41 1.90 -4.51
CA CYS A 23 -7.76 1.83 -5.06
C CYS A 23 -8.54 3.10 -4.71
N VAL A 1 -5.82 -1.55 -15.33
CA VAL A 1 -6.41 -0.99 -14.09
C VAL A 1 -6.83 -2.12 -13.16
N LEU A 6 -1.78 -6.07 -3.67
CA LEU A 6 -0.34 -6.21 -3.94
C LEU A 6 0.20 -4.95 -4.60
N CYS A 7 -0.68 -3.98 -4.81
CA CYS A 7 -0.31 -2.72 -5.45
C CYS A 7 0.17 -1.69 -4.42
N PRO A 9 1.08 -2.96 -0.75
CA PRO A 9 1.35 -3.81 0.43
C PRO A 9 2.63 -4.61 0.15
N GLY A 10 3.71 -4.24 0.82
CA GLY A 10 5.03 -4.77 0.53
C GLY A 10 6.07 -3.72 0.17
N CYS A 11 5.65 -2.59 -0.38
CA CYS A 11 6.60 -1.51 -0.69
C CYS A 11 6.70 -0.57 0.53
N THR A 12 5.55 -0.15 1.03
CA THR A 12 5.47 0.72 2.21
C THR A 12 4.05 0.64 2.74
N GLY A 15 1.21 3.37 7.92
CA GLY A 15 2.15 3.38 9.04
C GLY A 15 1.74 2.47 10.18
N GLY A 16 0.45 2.21 10.28
CA GLY A 16 -0.08 1.34 11.33
C GLY A 16 -1.35 0.64 10.90
N GLY A 17 -1.43 0.31 9.61
CA GLY A 17 -2.64 -0.27 9.04
C GLY A 17 -3.57 0.83 8.54
N ASN A 19 -4.81 2.18 4.96
CA ASN A 19 -4.85 2.50 3.52
C ASN A 19 -4.47 1.34 2.56
N CYS A 20 -3.22 0.89 2.60
CA CYS A 20 -2.76 -0.10 1.62
C CYS A 20 -2.89 -1.54 2.14
N PHE A 22 -3.63 -3.60 4.45
CA PHE A 22 -3.69 -3.83 5.91
C PHE A 22 -4.85 -3.01 6.41
N CYS A 23 -5.78 -3.64 7.12
CA CYS A 23 -7.13 -3.09 7.43
C CYS A 23 -7.95 -3.08 6.12
N VAL A 1 -0.51 3.19 -13.59
CA VAL A 1 0.08 2.97 -12.23
C VAL A 1 -0.08 1.53 -11.76
N LEU A 6 0.97 -8.02 -5.74
CA LEU A 6 2.29 -8.41 -5.21
C LEU A 6 3.24 -7.29 -5.59
N CYS A 7 3.02 -6.74 -6.77
CA CYS A 7 3.58 -5.45 -7.15
C CYS A 7 2.79 -4.47 -6.29
N PRO A 9 1.61 -4.48 -2.45
CA PRO A 9 1.34 -5.02 -1.10
C PRO A 9 2.48 -4.97 -0.08
N GLY A 10 2.50 -3.86 0.64
CA GLY A 10 3.61 -3.54 1.53
C GLY A 10 4.54 -2.56 0.83
N CYS A 11 3.96 -1.63 0.08
CA CYS A 11 4.74 -0.72 -0.77
C CYS A 11 5.66 0.17 0.03
N THR A 12 5.14 0.80 1.07
CA THR A 12 5.96 1.62 1.97
C THR A 12 5.55 1.38 3.42
N GLY A 15 2.42 5.83 5.31
CA GLY A 15 1.32 6.60 4.75
C GLY A 15 1.31 6.48 3.23
N GLY A 16 0.27 7.01 2.59
CA GLY A 16 0.14 6.94 1.13
C GLY A 16 -1.23 6.46 0.70
N GLY A 17 -2.01 5.94 1.66
CA GLY A 17 -3.35 5.49 1.38
C GLY A 17 -3.41 4.05 0.88
N ASN A 19 -4.01 1.05 2.20
CA ASN A 19 -3.35 -0.01 3.00
C ASN A 19 -2.02 -0.42 2.35
N CYS A 20 -1.18 0.57 2.10
CA CYS A 20 0.15 0.37 1.50
C CYS A 20 0.16 -0.60 0.31
N PHE A 22 -2.37 -2.87 -0.61
CA PHE A 22 -3.31 -3.99 -0.46
C PHE A 22 -4.72 -3.59 -0.92
N CYS A 23 -5.09 -2.34 -0.70
CA CYS A 23 -6.38 -1.84 -1.18
C CYS A 23 -6.21 -1.23 -2.57
N VAL A 1 2.85 1.21 -12.84
CA VAL A 1 1.51 1.02 -13.45
C VAL A 1 0.77 -0.15 -12.79
N LEU A 6 -0.09 -6.96 -4.26
CA LEU A 6 1.04 -7.83 -3.81
C LEU A 6 2.26 -7.26 -4.51
N CYS A 7 2.01 -6.91 -5.77
CA CYS A 7 2.81 -5.96 -6.47
C CYS A 7 2.30 -4.69 -5.80
N PRO A 9 1.38 -3.45 -2.12
CA PRO A 9 1.07 -3.66 -0.69
C PRO A 9 2.13 -4.34 0.17
N GLY A 10 2.54 -3.59 1.19
CA GLY A 10 3.86 -3.75 1.77
C GLY A 10 4.76 -2.83 0.96
N CYS A 11 4.10 -1.89 0.28
CA CYS A 11 4.74 -1.01 -0.68
C CYS A 11 5.48 0.10 0.06
N THR A 12 4.73 0.88 0.82
CA THR A 12 5.29 2.00 1.58
C THR A 12 4.90 1.94 3.06
N GLY A 15 5.08 -2.82 6.60
CA GLY A 15 5.46 -4.15 6.15
C GLY A 15 4.46 -5.24 6.51
N GLY A 16 3.39 -4.88 7.22
CA GLY A 16 2.37 -5.85 7.61
C GLY A 16 0.99 -5.48 7.10
N GLY A 17 0.01 -6.34 7.37
CA GLY A 17 -1.36 -6.09 6.96
C GLY A 17 -2.09 -5.11 7.85
N ASN A 19 -2.99 -1.94 9.02
CA ASN A 19 -2.57 -0.53 9.24
C ASN A 19 -2.26 0.28 7.99
N CYS A 20 -1.77 -0.35 6.94
CA CYS A 20 -1.35 0.37 5.74
C CYS A 20 -1.58 -0.46 4.47
N PHE A 22 -3.21 -2.62 2.77
CA PHE A 22 -3.96 -3.90 2.72
C PHE A 22 -5.42 -3.74 3.14
N CYS A 23 -5.65 -2.81 4.07
CA CYS A 23 -7.00 -2.47 4.54
C CYS A 23 -7.04 -0.95 4.38
N VAL A 1 -5.47 -1.93 -17.98
CA VAL A 1 -4.18 -1.93 -17.25
C VAL A 1 -4.34 -2.52 -15.86
N LEU A 6 1.07 -7.21 -7.02
CA LEU A 6 2.39 -6.56 -7.09
C LEU A 6 2.17 -5.05 -7.21
N CYS A 7 1.02 -4.57 -6.75
CA CYS A 7 0.67 -3.16 -6.87
C CYS A 7 0.50 -2.50 -5.50
N PRO A 9 1.53 -4.48 -2.25
CA PRO A 9 1.96 -5.40 -1.20
C PRO A 9 3.44 -5.14 -0.92
N GLY A 10 3.78 -4.93 0.34
CA GLY A 10 5.15 -4.57 0.69
C GLY A 10 5.49 -3.10 0.53
N CYS A 11 4.54 -2.29 0.11
CA CYS A 11 4.73 -0.84 -0.06
C CYS A 11 5.39 -0.20 1.16
N THR A 12 4.89 -0.57 2.33
CA THR A 12 5.33 0.00 3.61
C THR A 12 5.05 1.51 3.60
N GLY A 15 3.19 7.01 0.87
CA GLY A 15 2.25 7.93 0.25
C GLY A 15 1.60 7.33 -0.99
N GLY A 16 1.33 8.17 -1.99
CA GLY A 16 0.79 7.69 -3.25
C GLY A 16 -0.72 7.52 -3.30
N GLY A 17 -1.43 8.05 -2.31
CA GLY A 17 -2.88 7.92 -2.26
C GLY A 17 -3.31 6.61 -1.61
N ASN A 19 -3.75 6.16 1.40
CA ASN A 19 -2.83 6.15 2.56
C ASN A 19 -1.71 5.12 2.28
N CYS A 20 -2.12 3.93 1.82
CA CYS A 20 -1.24 2.89 1.33
C CYS A 20 -1.95 2.10 0.23
N PHE A 22 -3.08 -0.75 -0.25
CA PHE A 22 -4.23 -1.61 0.11
C PHE A 22 -5.52 -1.01 -0.44
N CYS A 23 -5.60 0.31 -0.39
CA CYS A 23 -6.72 1.06 -0.96
C CYS A 23 -6.48 1.17 -2.47
N VAL A 1 -5.29 -3.34 -12.02
CA VAL A 1 -5.97 -4.60 -11.62
C VAL A 1 -5.80 -4.83 -10.13
N LEU A 6 0.33 -4.88 -5.79
CA LEU A 6 0.91 -3.89 -6.72
C LEU A 6 0.46 -2.48 -6.34
N CYS A 7 -0.42 -2.39 -5.36
CA CYS A 7 -0.93 -1.09 -4.89
C CYS A 7 0.05 -0.47 -3.90
N PRO A 9 1.20 -2.93 -0.69
CA PRO A 9 1.56 -3.86 0.38
C PRO A 9 2.91 -4.46 0.04
N GLY A 10 3.83 -4.50 1.00
CA GLY A 10 5.18 -4.98 0.73
C GLY A 10 6.14 -3.94 0.19
N CYS A 11 5.66 -2.76 -0.21
CA CYS A 11 6.57 -1.69 -0.64
C CYS A 11 6.64 -0.62 0.46
N THR A 12 5.49 -0.19 0.93
CA THR A 12 5.38 0.77 2.04
C THR A 12 3.99 0.63 2.64
N GLY A 15 -0.03 5.91 5.00
CA GLY A 15 -1.17 6.14 5.86
C GLY A 15 -2.30 6.93 5.22
N GLY A 16 -3.29 7.28 6.02
CA GLY A 16 -4.48 7.96 5.52
C GLY A 16 -5.67 7.03 5.58
N GLY A 17 -5.68 6.15 6.58
CA GLY A 17 -6.76 5.20 6.73
C GLY A 17 -6.67 4.06 5.73
N ASN A 19 -6.00 2.91 2.72
CA ASN A 19 -5.14 3.19 1.57
C ASN A 19 -4.59 1.89 0.94
N CYS A 20 -3.81 2.07 -0.12
CA CYS A 20 -3.07 1.02 -0.86
C CYS A 20 -3.38 -0.46 -0.60
N PHE A 22 -5.51 -2.15 1.24
CA PHE A 22 -6.01 -2.57 2.56
C PHE A 22 -7.50 -2.26 2.69
N CYS A 23 -7.95 -1.24 1.97
CA CYS A 23 -9.38 -0.93 1.87
C CYS A 23 -9.67 -0.56 0.41
N VAL A 1 3.82 -2.98 -16.14
CA VAL A 1 2.39 -2.66 -15.93
C VAL A 1 1.61 -3.91 -15.51
N LEU A 6 2.99 -5.79 -7.36
CA LEU A 6 4.13 -4.89 -7.17
C LEU A 6 3.67 -3.47 -6.85
N CYS A 7 2.40 -3.18 -7.11
CA CYS A 7 1.84 -1.86 -6.86
C CYS A 7 1.29 -1.73 -5.44
N PRO A 9 1.49 -4.03 -1.95
CA PRO A 9 1.62 -5.14 -0.99
C PRO A 9 2.81 -5.25 -0.01
N GLY A 10 4.04 -5.43 -0.49
CA GLY A 10 5.21 -5.21 0.37
C GLY A 10 5.49 -3.71 0.39
N CYS A 11 4.48 -2.96 0.85
CA CYS A 11 4.37 -1.55 0.54
C CYS A 11 5.13 -0.61 1.47
N THR A 12 5.46 0.56 0.94
CA THR A 12 6.18 1.60 1.69
C THR A 12 5.19 2.44 2.51
N GLY A 15 3.97 4.66 8.14
CA GLY A 15 4.32 6.06 8.30
C GLY A 15 3.08 6.89 8.05
N GLY A 16 3.22 8.21 8.10
CA GLY A 16 2.08 9.09 7.88
C GLY A 16 0.95 8.76 8.83
N GLY A 17 -0.28 8.82 8.33
CA GLY A 17 -1.44 8.43 9.10
C GLY A 17 -2.44 7.73 8.19
N ASN A 19 -3.75 6.68 4.11
CA ASN A 19 -4.11 7.27 2.80
C ASN A 19 -3.13 7.01 1.64
N CYS A 20 -2.04 6.27 1.88
CA CYS A 20 -1.08 5.96 0.81
C CYS A 20 -1.53 4.74 -0.04
N PHE A 22 -2.66 1.81 0.19
CA PHE A 22 -2.62 0.48 0.85
C PHE A 22 -3.50 0.42 2.11
N CYS A 23 -3.14 1.21 3.13
CA CYS A 23 -4.01 1.39 4.31
C CYS A 23 -5.31 2.05 3.79
N VAL A 1 -7.69 -0.02 -2.99
CA VAL A 1 -7.22 -1.13 -2.12
C VAL A 1 -6.35 -2.11 -2.91
N LEU A 6 2.50 -6.53 -7.44
CA LEU A 6 3.38 -5.74 -8.32
C LEU A 6 2.73 -4.37 -8.54
N CYS A 7 2.28 -3.81 -7.42
CA CYS A 7 1.49 -2.58 -7.41
C CYS A 7 1.63 -1.88 -6.07
N PRO A 9 1.80 -4.58 -2.44
CA PRO A 9 1.49 -5.45 -1.29
C PRO A 9 2.55 -5.34 -0.16
N GLY A 10 2.70 -4.14 0.38
CA GLY A 10 3.70 -3.88 1.41
C GLY A 10 4.87 -3.08 0.88
N CYS A 11 4.60 -1.88 0.37
CA CYS A 11 5.65 -1.04 -0.22
C CYS A 11 6.35 -0.20 0.86
N THR A 12 5.90 1.04 1.07
CA THR A 12 6.41 1.92 2.13
C THR A 12 5.24 2.30 3.03
N GLY A 15 4.86 4.24 6.52
CA GLY A 15 5.12 5.67 6.55
C GLY A 15 3.84 6.48 6.57
N GLY A 16 2.76 5.87 6.08
CA GLY A 16 1.44 6.49 6.11
C GLY A 16 0.62 5.98 7.28
N GLY A 17 1.20 5.08 8.05
CA GLY A 17 0.49 4.47 9.16
C GLY A 17 -0.59 3.55 8.64
N ASN A 19 -3.33 4.08 7.35
CA ASN A 19 -4.05 4.70 6.24
C ASN A 19 -3.72 3.94 4.96
N CYS A 20 -2.56 3.29 4.99
CA CYS A 20 -2.06 2.51 3.88
C CYS A 20 -2.89 1.24 3.70
N PHE A 22 -2.74 -1.66 2.53
CA PHE A 22 -2.19 -2.97 2.90
C PHE A 22 -2.62 -3.34 4.32
N CYS A 23 -2.62 -2.37 5.23
CA CYS A 23 -3.09 -2.63 6.60
C CYS A 23 -4.62 -2.61 6.61
N VAL A 1 0.52 -3.56 -16.88
CA VAL A 1 1.50 -3.03 -15.89
C VAL A 1 1.47 -3.83 -14.58
N LEU A 6 5.05 -5.87 -5.36
CA LEU A 6 5.79 -4.80 -4.66
C LEU A 6 5.03 -3.48 -4.79
N CYS A 7 3.96 -3.52 -5.56
CA CYS A 7 3.14 -2.36 -5.86
C CYS A 7 2.04 -2.17 -4.82
N PRO A 9 1.44 -4.50 -1.83
CA PRO A 9 1.66 -5.68 -0.98
C PRO A 9 3.11 -5.81 -0.50
N GLY A 10 4.00 -5.07 -1.15
CA GLY A 10 5.40 -5.02 -0.78
C GLY A 10 5.84 -3.57 -0.66
N CYS A 11 4.95 -2.74 -0.13
CA CYS A 11 5.22 -1.32 0.07
C CYS A 11 4.82 -1.00 1.50
N THR A 12 5.31 0.11 2.04
CA THR A 12 4.96 0.54 3.40
C THR A 12 4.78 2.06 3.40
N GLY A 15 -0.03 5.29 4.60
CA GLY A 15 -1.30 4.80 5.14
C GLY A 15 -2.21 4.29 4.03
N GLY A 16 -1.83 4.56 2.79
CA GLY A 16 -2.60 4.10 1.64
C GLY A 16 -1.72 4.26 0.41
N GLY A 17 -2.26 3.96 -0.76
CA GLY A 17 -1.50 4.10 -2.00
C GLY A 17 -1.42 5.54 -2.47
N ASN A 19 0.92 8.14 -3.21
CA ASN A 19 2.28 8.68 -2.95
C ASN A 19 3.28 7.59 -2.58
N CYS A 20 2.91 6.33 -2.78
CA CYS A 20 3.78 5.21 -2.43
C CYS A 20 3.62 4.03 -3.39
N PHE A 22 1.07 1.79 -6.53
CA PHE A 22 -0.21 1.18 -6.96
C PHE A 22 -0.90 1.99 -8.06
N CYS A 23 -1.04 3.29 -7.84
CA CYS A 23 -1.54 4.21 -8.85
C CYS A 23 -0.39 4.40 -9.86
N VAL A 1 -5.82 -1.55 -15.33
CA VAL A 1 -6.41 -0.99 -14.09
C VAL A 1 -6.83 -2.12 -13.16
N LEU A 6 -1.78 -6.07 -3.67
CA LEU A 6 -0.34 -6.21 -3.94
C LEU A 6 0.20 -4.95 -4.60
N CYS A 7 -0.68 -3.98 -4.81
CA CYS A 7 -0.31 -2.72 -5.45
C CYS A 7 0.17 -1.69 -4.42
N PRO A 9 1.08 -2.96 -0.75
CA PRO A 9 1.35 -3.81 0.43
C PRO A 9 2.63 -4.61 0.15
N GLY A 10 3.71 -4.24 0.82
CA GLY A 10 5.03 -4.77 0.53
C GLY A 10 6.07 -3.72 0.17
N CYS A 11 5.65 -2.59 -0.38
CA CYS A 11 6.60 -1.51 -0.68
C CYS A 11 6.70 -0.57 0.53
N THR A 12 5.55 -0.15 1.03
CA THR A 12 5.47 0.72 2.21
C THR A 12 4.05 0.64 2.74
N GLY A 15 1.21 3.37 7.92
CA GLY A 15 2.15 3.38 9.04
C GLY A 15 1.74 2.47 10.18
N GLY A 16 0.45 2.21 10.28
CA GLY A 16 -0.08 1.34 11.33
C GLY A 16 -1.35 0.64 10.90
N GLY A 17 -1.43 0.31 9.61
CA GLY A 17 -2.64 -0.27 9.04
C GLY A 17 -3.57 0.83 8.54
N ASN A 19 -4.81 2.18 4.96
CA ASN A 19 -4.85 2.50 3.52
C ASN A 19 -4.47 1.34 2.56
N CYS A 20 -3.22 0.89 2.60
CA CYS A 20 -2.76 -0.10 1.62
C CYS A 20 -2.89 -1.54 2.14
N PHE A 22 -3.63 -3.60 4.45
CA PHE A 22 -3.69 -3.83 5.91
C PHE A 22 -4.85 -3.01 6.41
N CYS A 23 -5.78 -3.64 7.12
CA CYS A 23 -7.13 -3.09 7.43
C CYS A 23 -7.95 -3.08 6.12
N VAL A 1 -7.31 1.80 -14.35
CA VAL A 1 -6.37 0.71 -13.97
C VAL A 1 -6.54 0.34 -12.51
N LEU A 6 -1.50 -5.14 -5.94
CA LEU A 6 -0.19 -4.81 -6.51
C LEU A 6 0.00 -3.29 -6.40
N CYS A 7 -0.89 -2.65 -5.66
CA CYS A 7 -0.76 -1.23 -5.40
C CYS A 7 -0.32 -1.01 -3.97
N PRO A 9 1.15 -3.68 -1.30
CA PRO A 9 1.54 -4.93 -0.58
C PRO A 9 2.97 -5.41 -0.77
N GLY A 10 3.80 -5.06 0.22
CA GLY A 10 5.23 -5.31 0.19
C GLY A 10 5.98 -4.02 0.34
N CYS A 11 5.37 -2.93 -0.09
CA CYS A 11 5.95 -1.59 -0.03
C CYS A 11 5.67 -0.88 1.29
N THR A 12 6.10 0.34 1.36
CA THR A 12 5.82 1.21 2.50
C THR A 12 4.74 2.20 2.01
N GLY A 15 -1.64 0.65 5.70
CA GLY A 15 -1.67 0.24 7.09
C GLY A 15 -3.09 0.52 7.57
N GLY A 16 -4.04 0.21 6.73
CA GLY A 16 -5.43 0.55 6.98
C GLY A 16 -6.12 0.56 5.63
N GLY A 17 -7.44 0.65 5.64
CA GLY A 17 -8.20 0.68 4.39
C GLY A 17 -7.98 1.92 3.57
N ASN A 19 -5.86 4.14 2.53
CA ASN A 19 -4.67 4.65 3.22
C ASN A 19 -3.51 5.31 2.46
N CYS A 20 -2.78 4.53 1.68
CA CYS A 20 -1.55 5.00 1.06
C CYS A 20 -1.32 4.36 -0.30
N PHE A 22 -3.13 2.57 -2.44
CA PHE A 22 -3.86 1.33 -2.79
C PHE A 22 -5.10 1.57 -3.65
N CYS A 23 -6.16 2.06 -3.01
CA CYS A 23 -7.36 2.49 -3.77
C CYS A 23 -6.89 3.79 -4.43
#